data_3VFJ
#
_entry.id   3VFJ
#
_cell.length_a   40.320
_cell.length_b   123.610
_cell.length_c   156.740
_cell.angle_alpha   90.00
_cell.angle_beta   90.00
_cell.angle_gamma   90.00
#
_symmetry.space_group_name_H-M   'C 2 2 21'
#
loop_
_entity.id
_entity.type
_entity.pdbx_description
1 polymer 'Maltose-binding periplasmic protein, C-terminal fused by Cys-Lys-D-Ala-D-Ala'
2 polymer 'MonodeChloro- Teicoplanin A2-2'
3 non-polymer 'ZINC ION'
4 non-polymer 'ACETATE ION'
5 non-polymer 'CACODYLATE ION'
6 non-polymer 2-amino-2-deoxy-beta-D-glucopyranose
7 non-polymer '8-METHYLNONANOIC ACID'
8 non-polymer 2-acetamido-2-deoxy-beta-D-glucopyranose
9 non-polymer alpha-D-mannopyranose
10 water water
#
loop_
_entity_poly.entity_id
_entity_poly.type
_entity_poly.pdbx_seq_one_letter_code
_entity_poly.pdbx_strand_id
1 'polypeptide(L)'
;MKIEEGKLVIWINGDKGYNGLAEVGKKFEKDTGIKVTVEHPDKLEEKFPQVAATGDGPDIIFWAHDRFGGYAQSGLLAEI
TPDKAFQDKLYPFTWDAVRYNGKLIAYPIAVEALSLIYNKDLLPNPPKTWEEIPALDKELKAKGKSALMFNLQEPYFTWP
LIAADGGYAFKYENGKYDIKDVGVDNAGAKAGLTFLVDLIKNKHMNADTDYSIAEAAFNKGETAMTINGPWAWSNIDTSK
VNYGVTVLPTFKGQPSKPFVGVLSAGINAASPNKELAKEFLENYLLTDEGLEAVNKDKPLGAVALKSYEEELAKDPRIAA
TMENAQKGEIMPNIPQMSAFWYAVRTAVINAASGRQTVDEALKDAQTNAAAAAG(CCS)K(DAL)(DAL)
;
A
2 'polypeptide(L)' (GHP)(3MY)(3FG)(GHP)(GHP)(OMX)(3FG) G
#
loop_
_chem_comp.id
_chem_comp.type
_chem_comp.name
_chem_comp.formula
ACT non-polymer 'ACETATE ION' 'C2 H3 O2 -1'
CAC non-polymer 'CACODYLATE ION' 'C2 H6 As O2 -1'
GCS D-saccharide, beta linking 2-amino-2-deoxy-beta-D-glucopyranose 'C6 H13 N O5'
MAN D-saccharide, alpha linking alpha-D-mannopyranose 'C6 H12 O6'
NAG D-saccharide, beta linking 2-acetamido-2-deoxy-beta-D-glucopyranose 'C8 H15 N O6'
T55 non-polymer '8-METHYLNONANOIC ACID' 'C10 H20 O2'
ZN non-polymer 'ZINC ION' 'Zn 2'
#
# COMPACT_ATOMS: atom_id res chain seq x y z
N LYS A 2 4.72 20.49 25.69
CA LYS A 2 4.63 21.32 24.50
C LYS A 2 3.31 21.09 23.74
N ILE A 3 2.75 19.89 23.88
CA ILE A 3 1.45 19.58 23.31
C ILE A 3 0.33 20.10 24.23
N GLU A 4 -0.58 20.89 23.67
CA GLU A 4 -1.67 21.49 24.43
C GLU A 4 -2.67 20.46 24.93
N GLU A 5 -3.01 20.53 26.21
CA GLU A 5 -4.01 19.63 26.79
C GLU A 5 -5.40 20.18 26.52
N GLY A 6 -6.39 19.29 26.40
CA GLY A 6 -7.76 19.71 26.23
C GLY A 6 -8.17 20.01 24.80
N LYS A 7 -7.35 19.59 23.86
CA LYS A 7 -7.69 19.70 22.45
C LYS A 7 -6.94 18.64 21.66
N LEU A 8 -7.29 18.51 20.39
CA LEU A 8 -6.65 17.53 19.52
C LEU A 8 -6.05 18.21 18.30
N VAL A 9 -4.76 18.00 18.08
CA VAL A 9 -4.13 18.43 16.86
C VAL A 9 -3.89 17.17 16.02
N ILE A 10 -4.25 17.26 14.74
CA ILE A 10 -4.14 16.13 13.84
C ILE A 10 -3.31 16.51 12.61
N TRP A 11 -2.39 15.64 12.24
CA TRP A 11 -1.66 15.81 10.98
C TRP A 11 -2.09 14.76 9.97
N ILE A 12 -2.37 15.20 8.76
CA ILE A 12 -2.71 14.28 7.69
C ILE A 12 -2.16 14.85 6.38
N ASN A 13 -1.74 13.94 5.50
CA ASN A 13 -1.25 14.32 4.18
C ASN A 13 -2.24 15.24 3.45
N GLY A 14 -1.72 16.31 2.87
CA GLY A 14 -2.54 17.25 2.14
C GLY A 14 -3.26 16.69 0.91
N ASP A 15 -2.93 15.47 0.51
CA ASP A 15 -3.66 14.84 -0.59
C ASP A 15 -4.85 14.01 -0.12
N LYS A 16 -5.17 14.13 1.16
CA LYS A 16 -6.28 13.39 1.75
C LYS A 16 -7.43 14.36 2.01
N GLY A 17 -8.60 13.81 2.35
CA GLY A 17 -9.77 14.63 2.62
C GLY A 17 -9.72 15.31 3.99
N TYR A 18 -8.75 16.21 4.18
CA TYR A 18 -8.55 16.83 5.48
C TYR A 18 -9.69 17.77 5.90
N ASN A 19 -10.37 18.37 4.93
CA ASN A 19 -11.53 19.20 5.22
C ASN A 19 -12.69 18.36 5.74
N GLY A 20 -12.88 17.20 5.11
CA GLY A 20 -13.87 16.26 5.59
C GLY A 20 -13.53 15.80 7.00
N LEU A 21 -12.24 15.60 7.25
CA LEU A 21 -11.76 15.19 8.56
C LEU A 21 -12.02 16.29 9.55
N ALA A 22 -11.89 17.53 9.11
CA ALA A 22 -12.19 18.69 9.95
C ALA A 22 -13.67 18.71 10.29
N GLU A 23 -14.51 18.27 9.36
CA GLU A 23 -15.93 18.21 9.63
C GLU A 23 -16.20 17.21 10.75
N VAL A 24 -15.51 16.08 10.73
CA VAL A 24 -15.66 15.11 11.80
C VAL A 24 -15.21 15.74 13.13
N GLY A 25 -14.23 16.63 13.05
CA GLY A 25 -13.74 17.31 14.23
C GLY A 25 -14.75 18.29 14.79
N LYS A 26 -15.45 18.99 13.89
CA LYS A 26 -16.47 19.92 14.33
C LYS A 26 -17.59 19.17 15.04
N LYS A 27 -17.92 17.98 14.54
CA LYS A 27 -18.93 17.15 15.19
C LYS A 27 -18.45 16.73 16.58
N PHE A 28 -17.15 16.45 16.70
CA PHE A 28 -16.56 16.07 17.96
C PHE A 28 -16.63 17.24 18.95
N GLU A 29 -16.31 18.43 18.44
CA GLU A 29 -16.30 19.64 19.24
C GLU A 29 -17.70 20.08 19.68
N LYS A 30 -18.69 19.87 18.82
CA LYS A 30 -20.07 20.18 19.19
C LYS A 30 -20.55 19.28 20.33
N ASP A 31 -20.06 18.05 20.35
CA ASP A 31 -20.48 17.07 21.36
C ASP A 31 -19.71 17.19 22.68
N THR A 32 -18.45 17.61 22.62
CA THR A 32 -17.61 17.59 23.82
C THR A 32 -17.04 18.95 24.19
N GLY A 33 -17.15 19.91 23.28
CA GLY A 33 -16.53 21.21 23.47
C GLY A 33 -15.02 21.15 23.30
N ILE A 34 -14.51 20.03 22.81
CA ILE A 34 -13.08 19.89 22.57
C ILE A 34 -12.75 20.26 21.13
N LYS A 35 -11.81 21.18 20.96
CA LYS A 35 -11.45 21.67 19.63
C LYS A 35 -10.51 20.71 18.92
N VAL A 36 -10.79 20.43 17.65
CA VAL A 36 -9.94 19.56 16.85
C VAL A 36 -9.33 20.33 15.68
N THR A 37 -8.01 20.42 15.65
CA THR A 37 -7.34 21.12 14.57
C THR A 37 -6.65 20.15 13.63
N VAL A 38 -7.03 20.22 12.35
CA VAL A 38 -6.43 19.37 11.34
C VAL A 38 -5.43 20.16 10.53
N GLU A 39 -4.18 19.73 10.52
CA GLU A 39 -3.15 20.37 9.72
C GLU A 39 -2.60 19.37 8.73
N HIS A 40 -1.99 19.88 7.66
CA HIS A 40 -1.36 19.02 6.68
C HIS A 40 0.03 19.53 6.31
N PRO A 41 0.96 19.50 7.28
CA PRO A 41 2.34 19.91 7.01
C PRO A 41 2.96 19.15 5.86
N ASP A 42 3.78 19.84 5.07
CA ASP A 42 4.60 19.20 4.05
C ASP A 42 5.55 18.23 4.75
N LYS A 43 5.80 17.08 4.11
CA LYS A 43 6.69 16.06 4.66
C LYS A 43 6.40 15.77 6.13
N LEU A 44 5.11 15.75 6.47
CA LEU A 44 4.67 15.63 7.84
C LEU A 44 5.22 14.36 8.48
N GLU A 45 5.46 13.34 7.67
CA GLU A 45 5.84 12.04 8.20
C GLU A 45 7.33 11.97 8.53
N GLU A 46 8.10 12.92 8.00
CA GLU A 46 9.51 13.02 8.36
C GLU A 46 9.72 14.11 9.41
N LYS A 47 8.73 14.97 9.57
CA LYS A 47 8.75 15.96 10.64
C LYS A 47 8.31 15.34 11.97
N PHE A 48 7.27 14.51 11.91
CA PHE A 48 6.74 13.88 13.12
C PHE A 48 7.81 13.25 14.01
N PRO A 49 8.69 12.42 13.44
CA PRO A 49 9.67 11.76 14.30
C PRO A 49 10.69 12.74 14.86
N GLN A 50 10.88 13.87 14.20
CA GLN A 50 11.78 14.89 14.74
C GLN A 50 11.19 15.55 15.96
N VAL A 51 9.95 16.02 15.82
CA VAL A 51 9.31 16.80 16.88
C VAL A 51 8.78 15.92 18.01
N ALA A 52 8.20 14.77 17.66
CA ALA A 52 7.67 13.87 18.67
C ALA A 52 8.76 13.40 19.60
N ALA A 53 9.98 13.29 19.09
CA ALA A 53 11.11 12.83 19.89
C ALA A 53 11.35 13.76 21.07
N THR A 54 11.05 15.04 20.88
CA THR A 54 11.26 16.04 21.92
C THR A 54 9.95 16.31 22.68
N GLY A 55 8.98 15.42 22.50
CA GLY A 55 7.72 15.50 23.23
C GLY A 55 6.74 16.51 22.65
N ASP A 56 6.95 16.87 21.39
CA ASP A 56 6.08 17.81 20.71
C ASP A 56 5.36 17.09 19.55
N GLY A 57 4.69 17.87 18.69
CA GLY A 57 4.00 17.32 17.54
C GLY A 57 2.50 17.22 17.73
N PRO A 58 1.81 16.59 16.76
CA PRO A 58 0.35 16.49 16.85
C PRO A 58 -0.05 15.38 17.83
N ASP A 59 -1.31 15.35 18.24
CA ASP A 59 -1.81 14.24 19.03
C ASP A 59 -2.02 12.98 18.17
N ILE A 60 -2.39 13.21 16.91
CA ILE A 60 -2.72 12.14 16.00
C ILE A 60 -2.05 12.39 14.66
N ILE A 61 -1.39 11.37 14.13
CA ILE A 61 -0.79 11.45 12.81
C ILE A 61 -1.35 10.37 11.90
N PHE A 62 -1.75 10.77 10.70
CA PHE A 62 -2.22 9.85 9.67
C PHE A 62 -1.13 9.65 8.64
N TRP A 63 -0.79 8.40 8.37
CA TRP A 63 0.11 8.08 7.28
C TRP A 63 -0.05 6.62 6.91
N ALA A 64 0.59 6.21 5.82
CA ALA A 64 0.63 4.79 5.48
C ALA A 64 1.25 4.01 6.64
N HIS A 65 0.69 2.85 6.94
CA HIS A 65 1.12 2.06 8.10
C HIS A 65 2.63 1.77 8.13
N ASP A 66 3.24 1.61 6.97
CA ASP A 66 4.63 1.13 6.95
C ASP A 66 5.61 2.08 7.64
N ARG A 67 5.34 3.38 7.57
CA ARG A 67 6.16 4.37 8.25
C ARG A 67 6.09 4.24 9.78
N PHE A 68 4.99 3.66 10.27
CA PHE A 68 4.71 3.60 11.69
C PHE A 68 5.64 2.64 12.43
N GLY A 69 6.17 1.67 11.71
CA GLY A 69 7.13 0.74 12.27
C GLY A 69 8.30 1.50 12.87
N GLY A 70 8.87 2.42 12.09
CA GLY A 70 9.95 3.27 12.53
C GLY A 70 9.60 4.09 13.76
N TYR A 71 8.43 4.73 13.74
CA TYR A 71 7.96 5.52 14.88
C TYR A 71 7.89 4.68 16.14
N ALA A 72 7.31 3.49 16.00
CA ALA A 72 7.17 2.56 17.11
C ALA A 72 8.53 2.14 17.64
N GLN A 73 9.46 1.85 16.74
CA GLN A 73 10.82 1.49 17.15
C GLN A 73 11.41 2.57 18.06
N SER A 74 11.12 3.83 17.75
CA SER A 74 11.63 4.98 18.51
C SER A 74 10.73 5.33 19.71
N GLY A 75 9.72 4.51 19.96
CA GLY A 75 8.80 4.74 21.05
C GLY A 75 7.97 6.00 20.91
N LEU A 76 7.63 6.37 19.69
CA LEU A 76 6.92 7.63 19.46
C LEU A 76 5.40 7.48 19.43
N LEU A 77 4.90 6.24 19.44
CA LEU A 77 3.47 6.02 19.30
C LEU A 77 2.85 5.41 20.55
N ALA A 78 1.70 5.92 20.95
CA ALA A 78 0.94 5.32 22.04
C ALA A 78 0.40 3.97 21.58
N GLU A 79 0.43 2.98 22.47
CA GLU A 79 -0.23 1.72 22.19
C GLU A 79 -1.73 1.98 22.28
N ILE A 80 -2.50 1.51 21.30
CA ILE A 80 -3.93 1.76 21.33
C ILE A 80 -4.67 0.62 22.01
N THR A 81 -5.86 0.92 22.50
CA THR A 81 -6.61 -0.02 23.32
C THR A 81 -8.05 -0.19 22.89
N PRO A 82 -8.29 -0.54 21.61
CA PRO A 82 -9.66 -0.86 21.22
C PRO A 82 -10.07 -2.20 21.80
N ASP A 83 -11.31 -2.32 22.27
CA ASP A 83 -11.79 -3.60 22.76
C ASP A 83 -12.11 -4.52 21.58
N LYS A 84 -12.47 -5.77 21.88
CA LYS A 84 -12.73 -6.77 20.86
C LYS A 84 -13.89 -6.38 19.95
N ALA A 85 -14.92 -5.77 20.54
CA ALA A 85 -16.10 -5.37 19.77
C ALA A 85 -15.74 -4.32 18.72
N PHE A 86 -14.85 -3.41 19.07
CA PHE A 86 -14.43 -2.43 18.08
C PHE A 86 -13.55 -3.09 17.01
N GLN A 87 -12.62 -3.92 17.46
CA GLN A 87 -11.73 -4.58 16.52
C GLN A 87 -12.51 -5.39 15.48
N ASP A 88 -13.65 -5.93 15.90
CA ASP A 88 -14.46 -6.75 15.01
C ASP A 88 -15.14 -5.91 13.93
N LYS A 89 -15.10 -4.58 14.08
CA LYS A 89 -15.69 -3.67 13.11
C LYS A 89 -14.79 -3.45 11.88
N LEU A 90 -13.53 -3.86 11.97
CA LEU A 90 -12.56 -3.66 10.91
C LEU A 90 -12.08 -4.98 10.38
N TYR A 91 -11.67 -5.01 9.11
CA TYR A 91 -11.13 -6.22 8.54
C TYR A 91 -9.87 -6.63 9.29
N PRO A 92 -9.80 -7.91 9.72
CA PRO A 92 -8.67 -8.43 10.49
C PRO A 92 -7.30 -8.08 9.90
N PHE A 93 -7.11 -8.27 8.59
CA PHE A 93 -5.81 -8.03 7.99
C PHE A 93 -5.37 -6.58 8.18
N THR A 94 -6.31 -5.65 8.28
CA THR A 94 -5.93 -4.27 8.50
C THR A 94 -5.28 -4.08 9.87
N TRP A 95 -5.73 -4.86 10.85
CA TRP A 95 -5.11 -4.83 12.16
C TRP A 95 -3.68 -5.34 12.09
N ASP A 96 -3.43 -6.32 11.22
CA ASP A 96 -2.08 -6.84 11.03
C ASP A 96 -1.11 -5.76 10.57
N ALA A 97 -1.62 -4.76 9.87
CA ALA A 97 -0.78 -3.69 9.34
C ALA A 97 -0.35 -2.69 10.40
N VAL A 98 -1.06 -2.66 11.53
CA VAL A 98 -0.74 -1.67 12.57
C VAL A 98 -0.18 -2.30 13.85
N ARG A 99 0.42 -3.47 13.71
CA ARG A 99 1.08 -4.15 14.82
C ARG A 99 2.58 -3.96 14.73
N TYR A 100 3.21 -3.57 15.83
CA TYR A 100 4.67 -3.57 15.92
C TYR A 100 5.08 -4.24 17.23
N ASN A 101 6.04 -5.16 17.15
CA ASN A 101 6.40 -5.98 18.31
C ASN A 101 5.16 -6.52 19.00
N GLY A 102 4.23 -7.04 18.21
CA GLY A 102 3.00 -7.62 18.74
C GLY A 102 1.97 -6.62 19.23
N LYS A 103 2.35 -5.35 19.37
CA LYS A 103 1.43 -4.35 19.88
C LYS A 103 0.70 -3.59 18.77
N LEU A 104 -0.56 -3.26 18.99
CA LEU A 104 -1.30 -2.39 18.08
C LEU A 104 -0.89 -0.96 18.33
N ILE A 105 -0.38 -0.28 17.30
CA ILE A 105 0.13 1.08 17.47
C ILE A 105 -0.54 2.16 16.61
N ALA A 106 -1.67 1.81 16.00
CA ALA A 106 -2.41 2.74 15.14
C ALA A 106 -3.76 2.14 14.73
N TYR A 107 -4.72 3.00 14.41
CA TYR A 107 -6.00 2.56 13.88
C TYR A 107 -5.99 2.55 12.36
N PRO A 108 -6.31 1.41 11.74
CA PRO A 108 -6.43 1.35 10.28
C PRO A 108 -7.63 2.17 9.83
N ILE A 109 -7.50 2.85 8.70
CA ILE A 109 -8.57 3.69 8.15
C ILE A 109 -8.98 3.22 6.75
N ALA A 110 -8.00 3.13 5.87
CA ALA A 110 -8.26 2.87 4.47
C ALA A 110 -7.23 1.90 3.93
N VAL A 111 -7.51 1.35 2.75
CA VAL A 111 -6.67 0.29 2.21
C VAL A 111 -6.43 0.55 0.72
N GLU A 112 -5.17 0.48 0.31
CA GLU A 112 -4.82 0.66 -1.11
C GLU A 112 -4.00 -0.52 -1.60
N ALA A 113 -4.24 -0.90 -2.85
CA ALA A 113 -3.55 -2.02 -3.48
C ALA A 113 -3.76 -1.88 -4.97
N LEU A 114 -2.84 -2.40 -5.77
CA LEU A 114 -2.99 -2.42 -7.23
C LEU A 114 -4.14 -3.30 -7.63
N SER A 115 -4.76 -2.96 -8.76
CA SER A 115 -5.74 -3.83 -9.40
C SER A 115 -5.46 -3.95 -10.89
N LEU A 116 -6.16 -4.87 -11.55
CA LEU A 116 -6.09 -4.93 -13.01
C LEU A 116 -7.10 -3.93 -13.55
N ILE A 117 -6.61 -2.98 -14.34
CA ILE A 117 -7.49 -2.00 -14.97
C ILE A 117 -7.55 -2.34 -16.45
N TYR A 118 -8.75 -2.41 -17.02
CA TYR A 118 -8.88 -2.86 -18.40
C TYR A 118 -9.83 -1.99 -19.21
N ASN A 119 -9.62 -1.97 -20.51
CA ASN A 119 -10.45 -1.22 -21.43
C ASN A 119 -11.64 -2.11 -21.82
N LYS A 120 -12.84 -1.70 -21.41
CA LYS A 120 -14.04 -2.51 -21.65
C LYS A 120 -14.35 -2.66 -23.13
N ASP A 121 -14.00 -1.65 -23.92
CA ASP A 121 -14.24 -1.69 -25.35
C ASP A 121 -13.30 -2.65 -26.08
N LEU A 122 -12.03 -2.66 -25.68
CA LEU A 122 -11.07 -3.57 -26.29
C LEU A 122 -11.22 -4.96 -25.71
N LEU A 123 -11.72 -5.03 -24.48
CA LEU A 123 -11.59 -6.26 -23.72
C LEU A 123 -12.69 -6.41 -22.67
N PRO A 124 -13.90 -6.80 -23.11
CA PRO A 124 -15.06 -6.88 -22.22
C PRO A 124 -14.89 -8.00 -21.21
N ASN A 125 -14.08 -8.99 -21.58
CA ASN A 125 -13.85 -10.13 -20.73
C ASN A 125 -12.35 -10.26 -20.42
N PRO A 126 -11.86 -9.54 -19.40
CA PRO A 126 -10.43 -9.54 -19.05
C PRO A 126 -9.93 -10.92 -18.61
N PRO A 127 -8.64 -11.21 -18.88
CA PRO A 127 -8.07 -12.53 -18.58
C PRO A 127 -8.03 -12.79 -17.09
N LYS A 128 -8.29 -14.04 -16.68
CA LYS A 128 -8.23 -14.38 -15.27
C LYS A 128 -6.83 -14.83 -14.93
N THR A 129 -6.01 -15.12 -15.94
CA THR A 129 -4.68 -15.67 -15.70
C THR A 129 -3.61 -14.89 -16.45
N TRP A 130 -2.41 -14.87 -15.88
CA TRP A 130 -1.26 -14.25 -16.51
C TRP A 130 -0.89 -15.04 -17.76
N GLU A 131 -1.06 -16.34 -17.67
CA GLU A 131 -0.65 -17.28 -18.71
C GLU A 131 -1.34 -17.05 -20.06
N GLU A 132 -2.56 -16.53 -20.03
CA GLU A 132 -3.30 -16.33 -21.28
C GLU A 132 -3.03 -14.96 -21.90
N ILE A 133 -2.28 -14.13 -21.19
CA ILE A 133 -2.00 -12.79 -21.69
C ILE A 133 -1.14 -12.77 -22.98
N PRO A 134 -0.14 -13.66 -23.09
CA PRO A 134 0.63 -13.67 -24.35
C PRO A 134 -0.26 -13.93 -25.57
N ALA A 135 -1.08 -14.98 -25.51
CA ALA A 135 -2.01 -15.26 -26.61
C ALA A 135 -2.90 -14.05 -26.89
N LEU A 136 -3.37 -13.41 -25.83
CA LEU A 136 -4.23 -12.24 -25.97
C LEU A 136 -3.49 -11.08 -26.63
N ASP A 137 -2.21 -10.93 -26.29
CA ASP A 137 -1.38 -9.87 -26.86
C ASP A 137 -1.25 -10.01 -28.38
N LYS A 138 -0.99 -11.24 -28.84
CA LYS A 138 -0.83 -11.49 -30.27
C LYS A 138 -2.11 -11.11 -31.00
N GLU A 139 -3.25 -11.50 -30.42
CA GLU A 139 -4.56 -11.20 -31.01
C GLU A 139 -4.82 -9.71 -31.10
N LEU A 140 -4.52 -9.00 -30.01
CA LEU A 140 -4.72 -7.55 -29.96
C LEU A 140 -3.77 -6.81 -30.87
N LYS A 141 -2.52 -7.28 -30.92
CA LYS A 141 -1.49 -6.64 -31.72
C LYS A 141 -1.75 -6.80 -33.21
N ALA A 142 -2.53 -7.83 -33.58
CA ALA A 142 -2.94 -8.00 -34.97
C ALA A 142 -3.72 -6.77 -35.43
N LYS A 143 -4.30 -6.04 -34.50
CA LYS A 143 -4.98 -4.79 -34.79
C LYS A 143 -4.22 -3.60 -34.23
N GLY A 144 -2.96 -3.83 -33.86
CA GLY A 144 -2.10 -2.76 -33.41
C GLY A 144 -2.39 -2.22 -32.02
N LYS A 145 -3.01 -3.03 -31.16
CA LYS A 145 -3.13 -2.70 -29.75
C LYS A 145 -2.30 -3.73 -29.01
N SER A 146 -1.87 -3.42 -27.80
CA SER A 146 -1.18 -4.40 -26.97
C SER A 146 -2.11 -4.88 -25.86
N ALA A 147 -1.78 -6.01 -25.26
CA ALA A 147 -2.59 -6.52 -24.15
C ALA A 147 -2.40 -5.70 -22.87
N LEU A 148 -1.15 -5.39 -22.53
CA LEU A 148 -0.87 -4.92 -21.18
C LEU A 148 0.37 -4.05 -21.10
N MET A 149 0.20 -2.85 -20.54
CA MET A 149 1.35 -2.02 -20.17
C MET A 149 1.21 -1.54 -18.72
N PHE A 150 2.25 -1.80 -17.94
CA PHE A 150 2.33 -1.27 -16.59
C PHE A 150 3.78 -0.97 -16.24
N ASN A 151 3.98 -0.17 -15.19
CA ASN A 151 5.31 0.20 -14.73
C ASN A 151 6.18 -1.03 -14.42
N LEU A 152 7.27 -1.20 -15.17
CA LEU A 152 8.19 -2.32 -14.93
C LEU A 152 9.46 -1.90 -14.17
N GLN A 153 9.58 -0.62 -13.87
CA GLN A 153 10.82 -0.09 -13.28
C GLN A 153 10.88 -0.20 -11.75
N GLU A 154 9.72 -0.42 -11.12
CA GLU A 154 9.67 -0.48 -9.66
C GLU A 154 9.09 -1.79 -9.18
N PRO A 155 9.81 -2.47 -8.27
CA PRO A 155 9.35 -3.73 -7.67
C PRO A 155 7.91 -3.65 -7.16
N TYR A 156 7.48 -2.48 -6.72
CA TYR A 156 6.12 -2.35 -6.22
C TYR A 156 5.11 -2.86 -7.25
N PHE A 157 5.36 -2.57 -8.52
CA PHE A 157 4.43 -2.93 -9.59
C PHE A 157 4.64 -4.33 -10.12
N THR A 158 5.87 -4.81 -10.07
CA THR A 158 6.19 -6.12 -10.63
C THR A 158 6.11 -7.24 -9.59
N TRP A 159 6.24 -6.87 -8.32
CA TRP A 159 6.21 -7.85 -7.23
C TRP A 159 4.95 -8.72 -7.20
N PRO A 160 3.77 -8.13 -7.44
CA PRO A 160 2.57 -8.97 -7.38
C PRO A 160 2.70 -10.26 -8.21
N LEU A 161 3.28 -10.18 -9.40
CA LEU A 161 3.47 -11.37 -10.23
C LEU A 161 4.59 -12.23 -9.66
N ILE A 162 5.68 -11.58 -9.28
CA ILE A 162 6.86 -12.29 -8.80
C ILE A 162 6.52 -13.09 -7.54
N ALA A 163 5.62 -12.55 -6.73
CA ALA A 163 5.29 -13.11 -5.43
C ALA A 163 4.15 -14.13 -5.48
N ALA A 164 3.41 -14.15 -6.59
CA ALA A 164 2.21 -14.95 -6.72
C ALA A 164 2.43 -16.42 -6.37
N ASP A 165 3.52 -16.99 -6.85
CA ASP A 165 3.75 -18.42 -6.63
C ASP A 165 4.67 -18.69 -5.44
N GLY A 166 4.95 -17.67 -4.64
CA GLY A 166 5.64 -17.90 -3.38
C GLY A 166 6.72 -16.92 -2.93
N GLY A 167 6.97 -15.86 -3.69
CA GLY A 167 7.91 -14.87 -3.23
C GLY A 167 7.37 -14.08 -2.04
N TYR A 168 8.27 -13.52 -1.24
CA TYR A 168 7.88 -12.57 -0.19
C TYR A 168 9.08 -11.73 0.24
N ALA A 169 8.83 -10.59 0.87
CA ALA A 169 9.91 -9.73 1.32
C ALA A 169 10.51 -10.30 2.60
N PHE A 170 9.74 -10.22 3.68
CA PHE A 170 10.12 -10.82 4.95
C PHE A 170 8.98 -11.66 5.48
N LYS A 171 9.32 -12.82 6.02
CA LYS A 171 8.31 -13.73 6.57
C LYS A 171 7.56 -13.06 7.72
N TYR A 172 6.24 -13.00 7.58
CA TYR A 172 5.38 -12.49 8.63
C TYR A 172 5.01 -13.63 9.56
N GLU A 173 5.35 -13.45 10.84
CA GLU A 173 5.06 -14.44 11.87
C GLU A 173 4.44 -13.76 13.09
N ASN A 174 3.17 -14.04 13.35
CA ASN A 174 2.52 -13.66 14.60
C ASN A 174 2.57 -12.17 14.91
N GLY A 175 2.38 -11.33 13.89
CA GLY A 175 2.44 -9.89 14.10
C GLY A 175 3.86 -9.42 14.23
N LYS A 176 4.80 -10.25 13.78
CA LYS A 176 6.21 -9.88 13.74
C LYS A 176 6.81 -10.35 12.42
N TYR A 177 7.86 -9.67 11.98
CA TYR A 177 8.57 -10.08 10.79
C TYR A 177 9.90 -10.71 11.18
N ASP A 178 10.21 -11.82 10.54
CA ASP A 178 11.53 -12.42 10.68
C ASP A 178 12.46 -11.78 9.66
N ILE A 179 13.28 -10.83 10.12
CA ILE A 179 14.11 -10.04 9.23
C ILE A 179 15.24 -10.87 8.62
N LYS A 180 15.41 -12.08 9.11
CA LYS A 180 16.42 -12.96 8.56
C LYS A 180 15.81 -13.93 7.55
N ASP A 181 14.48 -13.89 7.43
CA ASP A 181 13.80 -14.76 6.48
C ASP A 181 13.28 -13.96 5.28
N VAL A 182 14.13 -13.89 4.25
CA VAL A 182 13.82 -13.15 3.04
C VAL A 182 13.41 -14.17 1.98
N GLY A 183 12.34 -13.88 1.25
CA GLY A 183 11.83 -14.81 0.25
C GLY A 183 12.06 -14.36 -1.19
N VAL A 184 13.23 -13.80 -1.46
CA VAL A 184 13.49 -13.18 -2.75
C VAL A 184 13.97 -14.16 -3.81
N ASP A 185 14.72 -15.17 -3.40
CA ASP A 185 15.30 -16.11 -4.36
C ASP A 185 14.77 -17.54 -4.21
N ASN A 186 13.53 -17.67 -3.78
CA ASN A 186 12.91 -18.99 -3.76
C ASN A 186 12.25 -19.30 -5.09
N ALA A 187 11.87 -20.56 -5.30
CA ALA A 187 11.37 -21.02 -6.59
C ALA A 187 10.12 -20.27 -7.03
N GLY A 188 9.38 -19.72 -6.07
CA GLY A 188 8.18 -18.97 -6.40
C GLY A 188 8.53 -17.68 -7.12
N ALA A 189 9.51 -16.96 -6.57
CA ALA A 189 9.96 -15.70 -7.15
C ALA A 189 10.63 -15.93 -8.51
N LYS A 190 11.40 -17.01 -8.62
CA LYS A 190 12.07 -17.31 -9.88
C LYS A 190 11.06 -17.57 -10.98
N ALA A 191 10.04 -18.36 -10.68
CA ALA A 191 8.96 -18.63 -11.62
C ALA A 191 8.32 -17.33 -12.10
N GLY A 192 7.85 -16.53 -11.16
CA GLY A 192 7.22 -15.26 -11.47
C GLY A 192 8.13 -14.37 -12.30
N LEU A 193 9.36 -14.17 -11.83
CA LEU A 193 10.28 -13.28 -12.51
C LEU A 193 10.63 -13.82 -13.90
N THR A 194 10.78 -15.13 -14.00
CA THR A 194 11.05 -15.78 -15.28
C THR A 194 9.92 -15.50 -16.29
N PHE A 195 8.68 -15.65 -15.85
CA PHE A 195 7.54 -15.37 -16.71
C PHE A 195 7.56 -13.90 -17.13
N LEU A 196 7.85 -13.03 -16.18
CA LEU A 196 7.88 -11.60 -16.47
C LEU A 196 8.96 -11.28 -17.50
N VAL A 197 10.12 -11.91 -17.34
CA VAL A 197 11.26 -11.66 -18.22
C VAL A 197 11.02 -12.24 -19.60
N ASP A 198 10.34 -13.37 -19.67
CA ASP A 198 9.94 -13.95 -20.95
C ASP A 198 8.99 -13.03 -21.70
N LEU A 199 8.05 -12.42 -20.98
CA LEU A 199 7.13 -11.45 -21.58
C LEU A 199 7.92 -10.33 -22.25
N ILE A 200 8.92 -9.82 -21.54
CA ILE A 200 9.78 -8.77 -22.06
C ILE A 200 10.67 -9.26 -23.21
N LYS A 201 11.28 -10.42 -23.01
CA LYS A 201 12.18 -11.01 -24.01
C LYS A 201 11.45 -11.27 -25.31
N ASN A 202 10.19 -11.69 -25.19
CA ASN A 202 9.37 -12.03 -26.35
C ASN A 202 8.60 -10.84 -26.87
N LYS A 203 8.88 -9.67 -26.31
CA LYS A 203 8.31 -8.42 -26.81
C LYS A 203 6.82 -8.24 -26.53
N HIS A 204 6.27 -9.06 -25.63
CA HIS A 204 4.91 -8.84 -25.17
C HIS A 204 4.84 -7.59 -24.31
N MET A 205 5.97 -7.27 -23.69
CA MET A 205 6.13 -6.00 -22.97
C MET A 205 7.52 -5.45 -23.27
N ASN A 206 7.68 -4.14 -23.06
CA ASN A 206 8.95 -3.47 -23.31
C ASN A 206 9.65 -3.16 -21.98
N ALA A 207 10.92 -3.52 -21.89
CA ALA A 207 11.68 -3.37 -20.65
C ALA A 207 11.68 -1.93 -20.13
N ASP A 208 11.49 -0.97 -21.04
CA ASP A 208 11.57 0.44 -20.71
C ASP A 208 10.27 1.03 -20.15
N THR A 209 9.18 0.28 -20.23
CA THR A 209 7.90 0.84 -19.85
C THR A 209 7.91 1.30 -18.39
N ASP A 210 7.59 2.57 -18.16
CA ASP A 210 7.53 3.09 -16.81
C ASP A 210 6.12 3.59 -16.50
N TYR A 211 5.98 4.30 -15.40
CA TYR A 211 4.67 4.69 -14.94
C TYR A 211 3.96 5.60 -15.93
N SER A 212 4.65 6.62 -16.42
CA SER A 212 4.03 7.59 -17.32
C SER A 212 3.69 6.97 -18.67
N ILE A 213 4.60 6.17 -19.21
CA ILE A 213 4.38 5.53 -20.50
C ILE A 213 3.14 4.66 -20.46
N ALA A 214 3.04 3.81 -19.42
CA ALA A 214 1.90 2.93 -19.27
C ALA A 214 0.60 3.72 -19.11
N GLU A 215 0.60 4.69 -18.19
CA GLU A 215 -0.57 5.50 -17.96
C GLU A 215 -1.04 6.16 -19.26
N ALA A 216 -0.11 6.78 -19.96
CA ALA A 216 -0.39 7.43 -21.24
C ALA A 216 -1.01 6.47 -22.25
N ALA A 217 -0.39 5.30 -22.40
CA ALA A 217 -0.86 4.31 -23.35
C ALA A 217 -2.27 3.84 -23.01
N PHE A 218 -2.52 3.56 -21.72
CA PHE A 218 -3.83 3.06 -21.36
C PHE A 218 -4.90 4.12 -21.56
N ASN A 219 -4.61 5.32 -21.08
CA ASN A 219 -5.57 6.40 -21.13
C ASN A 219 -5.80 6.90 -22.55
N LYS A 220 -4.97 6.45 -23.48
CA LYS A 220 -5.16 6.77 -24.90
C LYS A 220 -5.80 5.63 -25.69
N GLY A 221 -6.05 4.51 -25.01
CA GLY A 221 -6.71 3.39 -25.64
C GLY A 221 -5.80 2.55 -26.51
N GLU A 222 -4.50 2.66 -26.28
CA GLU A 222 -3.51 1.91 -27.05
C GLU A 222 -3.27 0.51 -26.49
N THR A 223 -3.53 0.32 -25.20
CA THR A 223 -3.31 -0.97 -24.57
C THR A 223 -4.59 -1.39 -23.85
N ALA A 224 -4.88 -2.69 -23.84
CA ALA A 224 -6.15 -3.16 -23.29
C ALA A 224 -6.15 -3.18 -21.75
N MET A 225 -4.97 -3.29 -21.15
CA MET A 225 -4.86 -3.44 -19.71
C MET A 225 -3.66 -2.67 -19.15
N THR A 226 -3.80 -2.23 -17.91
CA THR A 226 -2.65 -1.72 -17.16
C THR A 226 -2.82 -2.19 -15.73
N ILE A 227 -1.80 -1.96 -14.92
CA ILE A 227 -1.87 -2.32 -13.51
C ILE A 227 -1.56 -1.08 -12.72
N ASN A 228 -2.53 -0.63 -11.94
CA ASN A 228 -2.36 0.59 -11.17
C ASN A 228 -3.33 0.64 -9.99
N GLY A 229 -3.21 1.68 -9.18
CA GLY A 229 -4.03 1.82 -7.99
C GLY A 229 -5.11 2.88 -8.12
N PRO A 230 -5.93 3.02 -7.07
CA PRO A 230 -7.07 3.95 -7.04
C PRO A 230 -6.64 5.39 -7.28
N TRP A 231 -5.38 5.71 -6.99
CA TRP A 231 -4.87 7.05 -7.22
C TRP A 231 -4.85 7.40 -8.70
N ALA A 232 -4.92 6.37 -9.55
CA ALA A 232 -4.87 6.55 -11.00
C ALA A 232 -6.26 6.75 -11.66
N TRP A 233 -7.33 6.45 -10.92
CA TRP A 233 -8.66 6.39 -11.52
C TRP A 233 -9.14 7.72 -12.09
N SER A 234 -8.92 8.83 -11.39
CA SER A 234 -9.42 10.12 -11.86
C SER A 234 -8.80 10.53 -13.20
N ASN A 235 -7.54 10.18 -13.39
CA ASN A 235 -6.90 10.39 -14.69
C ASN A 235 -7.60 9.61 -15.79
N ILE A 236 -8.04 8.39 -15.48
CA ILE A 236 -8.75 7.60 -16.48
C ILE A 236 -10.18 8.14 -16.69
N ASP A 237 -10.83 8.56 -15.61
CA ASP A 237 -12.12 9.22 -15.71
C ASP A 237 -12.04 10.34 -16.75
N THR A 238 -10.97 11.12 -16.66
CA THR A 238 -10.75 12.26 -17.54
C THR A 238 -10.56 11.84 -18.99
N SER A 239 -9.96 10.66 -19.19
CA SER A 239 -9.64 10.19 -20.54
C SER A 239 -10.86 9.68 -21.29
N LYS A 240 -11.94 9.40 -20.57
CA LYS A 240 -13.19 8.93 -21.17
C LYS A 240 -13.10 7.49 -21.70
N VAL A 241 -11.94 6.86 -21.53
CA VAL A 241 -11.82 5.42 -21.75
C VAL A 241 -12.88 4.70 -20.91
N ASN A 242 -13.57 3.75 -21.51
CA ASN A 242 -14.54 2.94 -20.79
C ASN A 242 -13.82 1.82 -20.05
N TYR A 243 -13.45 2.07 -18.80
CA TYR A 243 -12.56 1.15 -18.10
C TYR A 243 -13.24 0.36 -16.99
N GLY A 244 -12.68 -0.81 -16.72
CA GLY A 244 -13.10 -1.60 -15.59
C GLY A 244 -11.92 -1.82 -14.67
N VAL A 245 -12.21 -2.21 -13.45
CA VAL A 245 -11.15 -2.48 -12.50
C VAL A 245 -11.50 -3.81 -11.88
N THR A 246 -10.56 -4.74 -11.90
CA THR A 246 -10.89 -6.08 -11.48
C THR A 246 -9.70 -6.75 -10.81
N VAL A 247 -9.93 -7.98 -10.37
CA VAL A 247 -8.91 -8.77 -9.72
C VAL A 247 -7.72 -8.98 -10.63
N LEU A 248 -6.53 -8.96 -10.05
CA LEU A 248 -5.32 -9.22 -10.81
C LEU A 248 -5.33 -10.66 -11.34
N PRO A 249 -4.71 -10.87 -12.50
CA PRO A 249 -4.66 -12.23 -13.04
C PRO A 249 -3.99 -13.16 -12.04
N THR A 250 -4.32 -14.44 -12.10
CA THR A 250 -3.61 -15.45 -11.32
C THR A 250 -2.35 -15.86 -12.06
N PHE A 251 -1.40 -16.42 -11.34
CA PHE A 251 -0.22 -17.00 -11.96
C PHE A 251 -0.01 -18.37 -11.36
N LYS A 252 0.09 -19.36 -12.24
CA LYS A 252 0.20 -20.75 -11.82
C LYS A 252 -0.93 -21.10 -10.85
N GLY A 253 -2.10 -20.53 -11.11
CA GLY A 253 -3.28 -20.82 -10.31
C GLY A 253 -3.39 -20.01 -9.04
N GLN A 254 -2.41 -19.17 -8.72
CA GLN A 254 -2.47 -18.39 -7.49
C GLN A 254 -2.66 -16.90 -7.74
N PRO A 255 -3.32 -16.22 -6.80
CA PRO A 255 -3.58 -14.78 -6.97
C PRO A 255 -2.27 -14.02 -7.09
N SER A 256 -2.27 -12.96 -7.89
CA SER A 256 -1.19 -11.98 -7.79
C SER A 256 -1.26 -11.41 -6.37
N LYS A 257 -0.11 -11.04 -5.81
CA LYS A 257 -0.07 -10.54 -4.45
C LYS A 257 0.54 -9.15 -4.38
N PRO A 258 -0.31 -8.13 -4.57
CA PRO A 258 0.19 -6.76 -4.47
C PRO A 258 0.50 -6.41 -3.01
N PHE A 259 1.43 -5.49 -2.80
CA PHE A 259 1.65 -4.94 -1.48
C PHE A 259 0.43 -4.11 -1.11
N VAL A 260 0.08 -4.14 0.17
CA VAL A 260 -1.08 -3.38 0.65
C VAL A 260 -0.63 -2.26 1.56
N GLY A 261 -1.15 -1.07 1.30
CA GLY A 261 -0.87 0.09 2.12
C GLY A 261 -2.11 0.43 2.91
N VAL A 262 -1.94 0.57 4.23
CA VAL A 262 -3.06 0.90 5.09
C VAL A 262 -2.85 2.27 5.67
N LEU A 263 -3.67 3.22 5.23
CA LEU A 263 -3.68 4.54 5.83
C LEU A 263 -4.11 4.35 7.26
N SER A 264 -3.30 4.83 8.19
CA SER A 264 -3.53 4.55 9.60
C SER A 264 -3.40 5.80 10.44
N ALA A 265 -4.06 5.80 11.60
CA ALA A 265 -4.08 6.96 12.47
C ALA A 265 -3.40 6.58 13.77
N GLY A 266 -2.26 7.20 14.05
CA GLY A 266 -1.45 6.87 15.20
C GLY A 266 -1.51 7.96 16.26
N ILE A 267 -1.35 7.57 17.51
CA ILE A 267 -1.44 8.53 18.60
C ILE A 267 -0.05 8.86 19.16
N ASN A 268 0.27 10.15 19.21
CA ASN A 268 1.55 10.58 19.74
C ASN A 268 1.76 10.08 21.17
N ALA A 269 2.85 9.35 21.39
CA ALA A 269 3.20 8.85 22.72
C ALA A 269 3.27 9.98 23.74
N ALA A 270 3.64 11.18 23.29
CA ALA A 270 3.79 12.35 24.16
C ALA A 270 2.48 13.12 24.38
N SER A 271 1.42 12.71 23.70
CA SER A 271 0.16 13.42 23.82
C SER A 271 -0.45 13.27 25.22
N PRO A 272 -0.99 14.37 25.76
CA PRO A 272 -1.77 14.35 27.01
C PRO A 272 -3.25 14.14 26.73
N ASN A 273 -3.57 13.81 25.48
CA ASN A 273 -4.96 13.69 25.06
C ASN A 273 -5.28 12.32 24.47
N LYS A 274 -4.55 11.30 24.93
CA LYS A 274 -4.73 9.95 24.38
C LYS A 274 -6.18 9.46 24.45
N GLU A 275 -6.88 9.78 25.53
CA GLU A 275 -8.27 9.37 25.66
C GLU A 275 -9.18 10.09 24.68
N LEU A 276 -8.94 11.39 24.51
CA LEU A 276 -9.70 12.16 23.54
C LEU A 276 -9.49 11.63 22.12
N ALA A 277 -8.26 11.23 21.81
CA ALA A 277 -7.90 10.76 20.48
C ALA A 277 -8.54 9.40 20.20
N LYS A 278 -8.49 8.52 21.20
CA LYS A 278 -9.16 7.24 21.12
C LYS A 278 -10.67 7.39 20.89
N GLU A 279 -11.28 8.32 21.61
CA GLU A 279 -12.71 8.59 21.47
C GLU A 279 -13.02 9.18 20.11
N PHE A 280 -12.16 10.07 19.64
CA PHE A 280 -12.38 10.70 18.35
C PHE A 280 -12.25 9.65 17.25
N LEU A 281 -11.17 8.88 17.29
CA LEU A 281 -10.89 7.91 16.25
C LEU A 281 -11.92 6.79 16.22
N GLU A 282 -12.22 6.24 17.39
CA GLU A 282 -13.13 5.10 17.47
C GLU A 282 -14.59 5.44 17.23
N ASN A 283 -15.07 6.53 17.83
CA ASN A 283 -16.50 6.76 17.84
C ASN A 283 -16.95 7.91 16.97
N TYR A 284 -15.98 8.63 16.39
CA TYR A 284 -16.31 9.69 15.46
C TYR A 284 -15.82 9.40 14.05
N LEU A 285 -14.52 9.14 13.90
CA LEU A 285 -13.95 8.91 12.58
C LEU A 285 -14.29 7.52 12.05
N LEU A 286 -14.06 6.49 12.84
CA LEU A 286 -14.31 5.14 12.37
C LEU A 286 -15.77 4.71 12.50
N THR A 287 -16.66 5.53 11.96
CA THR A 287 -18.07 5.20 11.81
C THR A 287 -18.45 5.46 10.34
N ASP A 288 -19.65 5.05 9.95
CA ASP A 288 -20.10 5.28 8.58
C ASP A 288 -20.08 6.76 8.25
N GLU A 289 -20.58 7.58 9.18
CA GLU A 289 -20.66 9.03 8.96
C GLU A 289 -19.29 9.72 8.97
N GLY A 290 -18.39 9.24 9.82
CA GLY A 290 -17.06 9.82 9.91
C GLY A 290 -16.25 9.63 8.63
N LEU A 291 -16.18 8.38 8.19
CA LEU A 291 -15.47 8.04 6.96
C LEU A 291 -16.11 8.67 5.70
N GLU A 292 -17.43 8.77 5.71
CA GLU A 292 -18.14 9.36 4.59
C GLU A 292 -17.80 10.83 4.46
N ALA A 293 -17.66 11.50 5.60
CA ALA A 293 -17.32 12.92 5.58
C ALA A 293 -15.93 13.13 4.98
N VAL A 294 -15.01 12.23 5.31
CA VAL A 294 -13.66 12.35 4.75
C VAL A 294 -13.70 11.92 3.28
N ASN A 295 -14.37 10.79 3.02
CA ASN A 295 -14.49 10.24 1.69
C ASN A 295 -15.09 11.23 0.69
N LYS A 296 -16.06 12.03 1.14
CA LYS A 296 -16.70 13.00 0.26
C LYS A 296 -15.75 14.10 -0.16
N ASP A 297 -14.84 14.46 0.76
CA ASP A 297 -13.85 15.49 0.48
C ASP A 297 -12.82 14.96 -0.54
N LYS A 298 -12.31 13.77 -0.27
CA LYS A 298 -11.34 13.12 -1.13
C LYS A 298 -11.51 11.63 -0.92
N PRO A 299 -11.82 10.88 -1.99
CA PRO A 299 -12.12 9.46 -1.82
C PRO A 299 -10.99 8.70 -1.12
N LEU A 300 -11.37 7.90 -0.14
CA LEU A 300 -10.41 7.10 0.61
C LEU A 300 -10.00 5.85 -0.14
N GLY A 301 -10.87 5.40 -1.04
CA GLY A 301 -10.67 4.12 -1.71
C GLY A 301 -11.40 3.06 -0.91
N ALA A 302 -10.83 1.88 -0.79
CA ALA A 302 -11.39 0.86 0.05
C ALA A 302 -11.12 1.28 1.51
N VAL A 303 -11.99 0.90 2.43
CA VAL A 303 -11.81 1.30 3.83
C VAL A 303 -11.71 0.09 4.73
N ALA A 304 -11.13 0.28 5.92
CA ALA A 304 -10.92 -0.81 6.86
C ALA A 304 -12.20 -1.15 7.62
N LEU A 305 -13.13 -0.19 7.68
CA LEU A 305 -14.36 -0.36 8.43
C LEU A 305 -15.37 -1.13 7.59
N LYS A 306 -15.75 -2.31 8.09
CA LYS A 306 -16.61 -3.23 7.36
C LYS A 306 -17.92 -2.61 6.88
N SER A 307 -18.65 -1.98 7.79
CA SER A 307 -19.98 -1.49 7.47
C SER A 307 -19.94 -0.51 6.31
N TYR A 308 -18.90 0.33 6.28
CA TYR A 308 -18.83 1.35 5.24
C TYR A 308 -18.21 0.80 3.95
N GLU A 309 -17.26 -0.12 4.08
CA GLU A 309 -16.68 -0.77 2.90
C GLU A 309 -17.77 -1.50 2.12
N GLU A 310 -18.70 -2.13 2.83
CA GLU A 310 -19.80 -2.83 2.17
C GLU A 310 -20.65 -1.87 1.35
N GLU A 311 -20.82 -0.63 1.82
CA GLU A 311 -21.51 0.37 1.02
C GLU A 311 -20.68 0.85 -0.17
N LEU A 312 -19.40 1.15 0.08
CA LEU A 312 -18.54 1.62 -0.99
C LEU A 312 -18.30 0.55 -2.05
N ALA A 313 -18.39 -0.71 -1.64
CA ALA A 313 -18.09 -1.81 -2.55
C ALA A 313 -19.19 -2.04 -3.61
N LYS A 314 -20.25 -1.24 -3.57
CA LYS A 314 -21.23 -1.23 -4.67
C LYS A 314 -20.57 -0.66 -5.92
N ASP A 315 -19.52 0.12 -5.71
CA ASP A 315 -18.62 0.56 -6.78
C ASP A 315 -17.66 -0.59 -7.02
N PRO A 316 -17.78 -1.26 -8.17
CA PRO A 316 -16.97 -2.46 -8.40
C PRO A 316 -15.47 -2.19 -8.40
N ARG A 317 -15.05 -0.96 -8.65
CA ARG A 317 -13.62 -0.63 -8.60
C ARG A 317 -13.11 -0.73 -7.15
N ILE A 318 -13.96 -0.35 -6.21
CA ILE A 318 -13.56 -0.44 -4.81
C ILE A 318 -13.60 -1.88 -4.35
N ALA A 319 -14.65 -2.61 -4.76
CA ALA A 319 -14.72 -4.04 -4.46
C ALA A 319 -13.48 -4.75 -4.97
N ALA A 320 -13.02 -4.38 -6.16
CA ALA A 320 -11.83 -5.01 -6.73
C ALA A 320 -10.56 -4.65 -5.94
N THR A 321 -10.47 -3.40 -5.50
CA THR A 321 -9.33 -2.97 -4.70
C THR A 321 -9.24 -3.81 -3.43
N MET A 322 -10.37 -3.93 -2.73
CA MET A 322 -10.42 -4.71 -1.51
C MET A 322 -10.08 -6.18 -1.77
N GLU A 323 -10.62 -6.74 -2.86
CA GLU A 323 -10.30 -8.13 -3.17
C GLU A 323 -8.81 -8.34 -3.42
N ASN A 324 -8.21 -7.50 -4.25
CA ASN A 324 -6.77 -7.56 -4.46
C ASN A 324 -5.98 -7.38 -3.16
N ALA A 325 -6.39 -6.40 -2.35
CA ALA A 325 -5.77 -6.20 -1.04
C ALA A 325 -5.80 -7.46 -0.18
N GLN A 326 -6.96 -8.13 -0.13
CA GLN A 326 -7.13 -9.28 0.75
C GLN A 326 -6.27 -10.44 0.27
N LYS A 327 -5.98 -10.43 -1.02
CA LYS A 327 -5.14 -11.46 -1.61
C LYS A 327 -3.68 -11.05 -1.56
N GLY A 328 -3.42 -9.80 -1.24
CA GLY A 328 -2.06 -9.27 -1.27
C GLY A 328 -1.23 -9.47 -0.01
N GLU A 329 -0.12 -8.73 0.06
CA GLU A 329 0.88 -8.82 1.11
C GLU A 329 0.93 -7.45 1.79
N ILE A 330 0.51 -7.39 3.04
CA ILE A 330 0.65 -6.13 3.79
C ILE A 330 2.10 -5.68 3.67
N MET A 331 2.33 -4.40 3.40
CA MET A 331 3.71 -3.96 3.32
C MET A 331 4.37 -4.01 4.70
N PRO A 332 5.51 -4.72 4.80
CA PRO A 332 6.21 -4.77 6.08
C PRO A 332 6.57 -3.37 6.58
N ASN A 333 6.39 -3.15 7.88
CA ASN A 333 6.63 -1.83 8.48
C ASN A 333 7.99 -1.72 9.15
N ILE A 334 8.97 -2.49 8.66
CA ILE A 334 10.29 -2.52 9.28
C ILE A 334 11.30 -1.79 8.43
N PRO A 335 12.37 -1.26 9.06
CA PRO A 335 13.38 -0.48 8.35
C PRO A 335 14.16 -1.32 7.34
N GLN A 336 14.23 -2.63 7.58
CA GLN A 336 14.93 -3.50 6.66
C GLN A 336 14.28 -3.56 5.27
N MET A 337 13.09 -2.99 5.12
CA MET A 337 12.46 -2.98 3.81
C MET A 337 13.28 -2.17 2.83
N SER A 338 14.02 -1.19 3.31
CA SER A 338 14.84 -0.37 2.40
C SER A 338 15.83 -1.24 1.62
N ALA A 339 16.39 -2.26 2.27
CA ALA A 339 17.34 -3.16 1.62
C ALA A 339 16.65 -4.10 0.63
N PHE A 340 15.40 -4.43 0.92
CA PHE A 340 14.58 -5.23 0.02
C PHE A 340 14.32 -4.47 -1.27
N TRP A 341 13.86 -3.23 -1.16
CA TRP A 341 13.52 -2.45 -2.34
C TRP A 341 14.75 -2.24 -3.20
N TYR A 342 15.82 -1.77 -2.56
CA TYR A 342 17.07 -1.54 -3.28
C TYR A 342 17.50 -2.77 -4.05
N ALA A 343 17.55 -3.92 -3.37
CA ALA A 343 18.03 -5.16 -3.98
C ALA A 343 17.12 -5.71 -5.07
N VAL A 344 15.82 -5.70 -4.83
CA VAL A 344 14.88 -6.22 -5.82
C VAL A 344 14.81 -5.30 -7.04
N ARG A 345 14.82 -3.98 -6.82
CA ARG A 345 14.82 -3.01 -7.92
C ARG A 345 15.96 -3.33 -8.87
N THR A 346 17.13 -3.59 -8.31
CA THR A 346 18.31 -3.94 -9.09
C THR A 346 18.16 -5.29 -9.79
N ALA A 347 17.58 -6.25 -9.06
CA ALA A 347 17.44 -7.61 -9.59
C ALA A 347 16.51 -7.66 -10.79
N VAL A 348 15.40 -6.93 -10.72
CA VAL A 348 14.44 -6.96 -11.82
C VAL A 348 15.00 -6.22 -13.03
N ILE A 349 15.56 -5.03 -12.80
CA ILE A 349 16.21 -4.29 -13.88
C ILE A 349 17.21 -5.20 -14.59
N ASN A 350 18.16 -5.71 -13.82
CA ASN A 350 19.22 -6.56 -14.37
C ASN A 350 18.71 -7.78 -15.12
N ALA A 351 17.63 -8.38 -14.63
CA ALA A 351 17.11 -9.61 -15.25
C ALA A 351 16.33 -9.32 -16.54
N ALA A 352 15.58 -8.23 -16.55
CA ALA A 352 14.78 -7.86 -17.71
C ALA A 352 15.66 -7.35 -18.85
N SER A 353 16.83 -6.83 -18.52
CA SER A 353 17.76 -6.29 -19.50
C SER A 353 18.77 -7.35 -19.95
N GLY A 354 18.73 -8.52 -19.32
CA GLY A 354 19.62 -9.60 -19.67
C GLY A 354 20.98 -9.50 -19.02
N ARG A 355 21.26 -8.36 -18.40
CA ARG A 355 22.53 -8.16 -17.70
C ARG A 355 22.81 -9.27 -16.68
N GLN A 356 21.76 -9.94 -16.22
CA GLN A 356 21.89 -11.11 -15.36
C GLN A 356 20.78 -12.10 -15.70
N THR A 357 21.01 -13.37 -15.42
CA THR A 357 19.95 -14.35 -15.49
C THR A 357 19.00 -14.12 -14.30
N VAL A 358 17.79 -14.67 -14.40
CA VAL A 358 16.82 -14.58 -13.32
C VAL A 358 17.37 -15.20 -12.04
N ASP A 359 17.96 -16.38 -12.18
CA ASP A 359 18.55 -17.10 -11.03
C ASP A 359 19.62 -16.29 -10.32
N GLU A 360 20.52 -15.68 -11.09
CA GLU A 360 21.63 -14.94 -10.50
C GLU A 360 21.20 -13.60 -9.91
N ALA A 361 20.25 -12.96 -10.56
CA ALA A 361 19.75 -11.67 -10.10
C ALA A 361 19.06 -11.83 -8.75
N LEU A 362 18.24 -12.87 -8.64
CA LEU A 362 17.48 -13.11 -7.43
C LEU A 362 18.40 -13.59 -6.31
N LYS A 363 19.38 -14.42 -6.65
CA LYS A 363 20.37 -14.85 -5.66
C LYS A 363 21.08 -13.66 -5.02
N ASP A 364 21.64 -12.78 -5.85
CA ASP A 364 22.31 -11.58 -5.36
C ASP A 364 21.38 -10.69 -4.55
N ALA A 365 20.15 -10.53 -5.03
CA ALA A 365 19.17 -9.70 -4.35
C ALA A 365 18.92 -10.28 -2.96
N GLN A 366 18.74 -11.59 -2.91
CA GLN A 366 18.51 -12.30 -1.66
C GLN A 366 19.65 -12.02 -0.69
N THR A 367 20.87 -12.19 -1.19
CA THR A 367 22.09 -12.00 -0.40
C THR A 367 22.20 -10.58 0.10
N ASN A 368 21.92 -9.62 -0.79
CA ASN A 368 22.02 -8.22 -0.42
C ASN A 368 20.90 -7.79 0.54
N ALA A 369 19.68 -8.24 0.29
CA ALA A 369 18.54 -7.88 1.13
C ALA A 369 18.69 -8.46 2.54
N ALA A 370 19.09 -9.73 2.60
CA ALA A 370 19.28 -10.41 3.88
C ALA A 370 20.47 -9.85 4.66
N ALA A 371 21.53 -9.45 3.96
CA ALA A 371 22.71 -8.91 4.63
C ALA A 371 22.42 -7.56 5.29
N ALA A 372 21.74 -6.68 4.56
CA ALA A 372 21.47 -5.34 5.05
C ALA A 372 20.41 -5.39 6.15
N ALA A 373 19.66 -6.48 6.17
CA ALA A 373 18.65 -6.68 7.19
C ALA A 373 19.26 -7.27 8.46
N GLY A 374 20.44 -7.87 8.31
CA GLY A 374 21.06 -8.59 9.41
C GLY A 374 21.74 -7.74 10.47
N CCS A 375 21.74 -6.42 10.29
CA CCS A 375 22.42 -5.56 11.25
CB CCS A 375 23.90 -5.46 10.87
SG CCS A 375 24.73 -4.68 12.25
CD CCS A 375 25.72 -5.94 13.01
CE CCS A 375 26.70 -6.49 11.98
OZ1 CCS A 375 27.40 -5.68 11.32
OZ2 CCS A 375 26.86 -7.74 11.87
C CCS A 375 21.88 -4.15 11.25
O CCS A 375 21.24 -3.70 10.04
N LYS A 376 22.03 -3.40 12.35
CA LYS A 376 21.55 -2.04 12.38
C LYS A 376 22.38 -1.18 13.33
N DAL A 377 22.85 -0.06 12.79
CA DAL A 377 23.64 0.90 13.54
CB DAL A 377 22.74 2.00 14.11
C DAL A 377 24.71 1.50 12.63
O DAL A 377 24.67 1.34 11.41
N DAL A 378 25.68 2.20 13.23
CA DAL A 378 26.74 2.81 12.45
CB DAL A 378 27.94 1.87 12.34
C DAL A 378 27.16 4.15 13.04
O DAL A 378 27.95 4.88 12.43
OXT DAL A 378 26.71 4.56 14.11
N GHP B 1 26.33 8.31 10.31
CA GHP B 1 26.59 7.41 11.44
C GHP B 1 27.25 8.15 12.65
O GHP B 1 26.94 9.30 12.94
C1 GHP B 1 25.29 6.75 11.87
C2 GHP B 1 24.79 5.73 11.08
C3 GHP B 1 23.61 5.09 11.42
C4 GHP B 1 22.93 5.48 12.57
O4 GHP B 1 21.78 4.86 12.91
C5 GHP B 1 23.43 6.49 13.37
C6 GHP B 1 24.62 7.15 13.03
OBD 3MY B 2 31.60 2.63 15.17
CZ 3MY B 2 31.31 3.93 14.90
CE2 3MY B 2 31.47 4.83 15.95
CD2 3MY B 2 31.16 6.17 15.76
CL 3MY B 2 32.03 4.32 17.47
CE1 3MY B 2 30.85 4.33 13.66
CD1 3MY B 2 30.55 5.67 13.48
CG 3MY B 2 30.71 6.58 14.51
CB 3MY B 2 30.39 7.92 14.33
CA 3MY B 2 28.87 8.14 14.44
C 3MY B 2 28.26 7.76 15.80
O 3MY B 2 28.43 8.55 16.75
N 3MY B 2 28.15 7.47 13.34
N 3FG B 3 27.55 6.66 15.92
OD1 3FG B 3 22.72 6.83 14.49
CD1 3FG B 3 23.36 6.95 15.71
CG1 3FG B 3 24.68 6.55 15.86
CZ 3FG B 3 22.71 7.58 16.76
CD2 3FG B 3 23.37 7.83 17.95
OD2 3FG B 3 22.72 8.45 18.97
CG2 3FG B 3 24.70 7.44 18.10
CB 3FG B 3 25.36 6.82 17.04
CA 3FG B 3 26.82 6.39 17.18
C 3FG B 3 26.91 4.95 17.69
O 3FG B 3 26.85 4.79 18.92
N GHP B 4 27.01 3.95 16.82
CA GHP B 4 27.13 2.58 17.30
C GHP B 4 25.82 1.83 17.10
O GHP B 4 25.24 1.94 16.01
C1 GHP B 4 28.28 1.85 16.57
C2 GHP B 4 29.42 2.56 16.20
C3 GHP B 4 30.48 1.92 15.53
C4 GHP B 4 30.38 0.57 15.24
O4 GHP B 4 31.40 -0.06 14.60
C5 GHP B 4 29.24 -0.16 15.60
C6 GHP B 4 28.20 0.49 16.26
N GHP B 5 25.34 1.12 18.12
CA GHP B 5 24.34 0.07 17.91
C GHP B 5 24.72 -1.09 18.82
O GHP B 5 25.42 -0.86 19.83
C1 GHP B 5 22.89 0.41 18.28
C2 GHP B 5 21.90 0.19 17.34
C3 GHP B 5 20.57 0.43 17.65
C4 GHP B 5 20.23 0.91 18.90
O4 GHP B 5 18.94 1.17 19.21
C5 GHP B 5 21.22 1.13 19.86
C6 GHP B 5 22.56 0.86 19.56
N OMX B 6 24.30 -2.31 18.51
CA OMX B 6 23.54 -2.58 17.28
C OMX B 6 22.10 -2.85 17.68
O OMX B 6 21.87 -3.32 18.82
CB OMX B 6 24.23 -3.76 16.61
OC OMX B 6 24.31 -4.69 17.68
CG OMX B 6 25.49 -3.24 16.30
CD1 OMX B 6 25.62 -2.50 15.12
CD2 OMX B 6 26.60 -3.37 17.14
CE1 OMX B 6 26.84 -1.93 14.77
CE2 OMX B 6 27.82 -2.80 16.78
CZ OMX B 6 27.95 -2.07 15.60
OH OMX B 6 29.14 -1.50 15.24
N 3FG B 7 21.15 -2.56 16.81
OD1 3FG B 7 19.42 2.33 16.20
CD1 3FG B 7 18.97 1.03 15.97
CG1 3FG B 7 19.58 0.06 16.72
CZ 3FG B 7 17.99 0.89 15.00
CD2 3FG B 7 17.58 -0.42 14.76
OD2 3FG B 7 16.62 -0.66 13.82
CG2 3FG B 7 18.15 -1.47 15.49
CB 3FG B 7 19.13 -1.24 16.46
CA 3FG B 7 19.74 -2.42 17.22
C 3FG B 7 18.93 -3.70 16.97
O 3FG B 7 17.92 -3.85 17.67
OXT 3FG B 7 19.35 -4.48 16.09
ZN ZN C . 0.17 4.91 -0.39
ZN ZN D . 5.50 3.87 2.64
ZN ZN E . -24.20 10.24 5.76
ZN ZN F . 26.26 -12.95 -8.54
ZN ZN G . 11.27 -17.22 10.99
ZN ZN H . 4.90 -15.24 -26.19
ZN ZN I . -0.19 21.32 3.41
ZN ZN J . -16.88 -0.80 23.20
C ACT K . -20.00 14.54 10.07
O ACT K . -19.74 15.24 9.07
OXT ACT K . -20.91 14.98 10.82
CH3 ACT K . -19.28 13.25 10.36
C ACT L . -1.54 5.39 1.98
O ACT L . -1.65 4.13 1.96
OXT ACT L . -0.87 5.95 1.10
CH3 ACT L . -2.20 6.22 3.05
AS CAC M . 29.27 -7.34 14.19
O1 CAC M . 30.98 -7.35 14.54
O2 CAC M . 29.03 -7.92 12.56
C1 CAC M . 28.36 -8.52 15.47
C2 CAC M . 28.61 -5.51 14.40
C1 GCS N . 31.63 0.15 13.25
C2 GCS N . 33.06 -0.31 12.93
C3 GCS N . 33.29 -0.08 11.46
C4 GCS N . 32.26 -0.90 10.68
C5 GCS N . 30.85 -0.41 11.05
C6 GCS N . 29.80 -1.21 10.28
N2 GCS N . 33.86 0.64 13.72
O3 GCS N . 34.59 -0.58 11.15
O4 GCS N . 32.45 -0.70 9.28
O5 GCS N . 30.65 -0.59 12.49
O6 GCS N . 29.91 -2.60 10.62
CAD T55 O . 29.01 -0.45 20.97
CAE T55 O . 30.13 0.44 20.41
CAG T55 O . 30.45 -0.06 19.03
CAH T55 O . 31.60 0.69 18.34
CAI T55 O . 32.90 0.56 19.12
CAJ T55 O . 34.02 1.25 18.32
CAK T55 O . 34.00 0.54 16.99
CAL T55 O . 35.04 0.94 15.92
CAF T55 O . 29.54 1.85 20.29
C T55 O . 34.59 0.05 14.75
O T55 O . 34.61 -1.17 14.89
C1 NAG P . 24.67 -6.00 17.46
C2 NAG P . 24.93 -6.62 18.82
C3 NAG P . 25.33 -8.07 18.66
C4 NAG P . 24.27 -8.79 17.84
C5 NAG P . 23.88 -8.05 16.57
C6 NAG P . 22.61 -8.67 15.96
C7 NAG P . 25.72 -4.87 20.39
C8 NAG P . 24.30 -4.50 20.69
N2 NAG P . 25.97 -5.85 19.50
O3 NAG P . 25.40 -8.66 19.94
O4 NAG P . 24.77 -10.07 17.50
O5 NAG P . 23.61 -6.68 16.82
O6 NAG P . 22.21 -7.92 14.84
O7 NAG P . 26.63 -4.28 20.97
C1 MAN Q . 19.20 3.32 15.22
C2 MAN Q . 19.93 4.52 15.81
C3 MAN Q . 19.45 4.71 17.24
C4 MAN Q . 17.95 4.96 17.23
C5 MAN Q . 17.25 3.77 16.56
C6 MAN Q . 15.73 3.99 16.50
O2 MAN Q . 19.65 5.68 15.01
O3 MAN Q . 20.11 5.83 17.84
O4 MAN Q . 17.47 5.14 18.56
O5 MAN Q . 17.77 3.55 15.24
O6 MAN Q . 15.23 4.11 17.83
AS CAC R . 33.19 -4.27 15.97
O1 CAC R . 34.61 -3.73 16.79
O2 CAC R . 33.02 -5.90 16.57
C1 CAC R . 31.66 -3.16 16.51
C2 CAC R . 33.38 -4.30 14.01
#